data_3NWP
#
_entry.id   3NWP
#
_cell.length_a   46.179
_cell.length_b   72.019
_cell.length_c   154.130
_cell.angle_alpha   90.000
_cell.angle_beta   90.000
_cell.angle_gamma   90.000
#
_symmetry.space_group_name_H-M   'P 21 21 21'
#
loop_
_entity.id
_entity.type
_entity.pdbx_description
1 polymer 6-phosphogluconolactonase
2 non-polymer GLYCEROL
3 non-polymer 'HEXAETHYLENE GLYCOL'
4 non-polymer DI(HYDROXYETHYL)ETHER
5 non-polymer 'TETRAETHYLENE GLYCOL'
6 water water
#
_entity_poly.entity_id   1
_entity_poly.type   'polypeptide(L)'
_entity_poly.pdbx_seq_one_letter_code
;G(MSE)IKETVFKSFDTPSALEQQLASKIASQLQEAVDARGKASLVVSGGSTPLKLFQLLS(MSE)KSIDWSDVYITLAD
ERWVEADADASNERLVREHLLQNRASNAKFRGLKN(MSE)FSTAEAGAD(MSE)AAESLSNFPRPFDVVVLG(MSE)GND
GHTCSWFPCSAELENALTTQALCVATNPTTAPHGRITLSKSAILNSRQIYLHLVGEQKLSVYRQALESDDVHA(MSE)PI
RAVLAQRKTPVDVFWSA
;
_entity_poly.pdbx_strand_id   A,B
#
# COMPACT_ATOMS: atom_id res chain seq x y z
N GLY A 1 2.28 -0.91 29.34
CA GLY A 1 2.71 0.03 30.39
C GLY A 1 3.85 0.91 29.98
N ILE A 3 7.57 2.35 29.29
CA ILE A 3 8.76 1.82 28.64
C ILE A 3 9.96 2.00 29.54
N LYS A 4 10.52 0.89 29.97
CA LYS A 4 11.55 0.92 31.03
C LYS A 4 12.97 0.73 30.55
N GLU A 5 13.17 0.10 29.39
CA GLU A 5 14.51 -0.13 28.88
C GLU A 5 14.85 0.95 27.87
N THR A 6 15.96 1.66 28.14
CA THR A 6 16.40 2.79 27.34
C THR A 6 17.94 2.76 27.24
N VAL A 7 18.46 3.39 26.19
CA VAL A 7 19.87 3.74 26.07
C VAL A 7 19.89 5.22 25.71
N PHE A 8 20.43 6.06 26.59
CA PHE A 8 20.29 7.48 26.51
C PHE A 8 21.66 8.12 26.69
N LYS A 9 22.07 8.92 25.72
CA LYS A 9 23.37 9.62 25.71
C LYS A 9 23.14 11.12 25.63
N SER A 10 23.57 11.84 26.65
CA SER A 10 23.46 13.29 26.64
C SER A 10 24.84 13.92 26.48
N PHE A 11 24.79 15.18 26.00
CA PHE A 11 25.99 15.93 25.64
C PHE A 11 25.85 17.40 26.07
N ASP A 12 27.01 17.99 26.29
N ASP A 12 26.97 18.06 26.22
CA ASP A 12 27.15 19.43 26.66
CA ASP A 12 26.89 19.45 26.71
C ASP A 12 26.39 20.33 25.68
C ASP A 12 26.56 20.47 25.66
N THR A 13 26.62 20.09 24.39
CA THR A 13 26.21 20.95 23.30
C THR A 13 25.75 20.11 22.12
N PRO A 14 24.93 20.69 21.24
CA PRO A 14 24.65 20.01 19.97
C PRO A 14 25.90 19.65 19.19
N SER A 15 26.95 20.49 19.20
N SER A 15 26.90 20.53 19.21
CA SER A 15 28.16 20.15 18.45
CA SER A 15 28.15 20.23 18.55
C SER A 15 28.89 18.93 19.01
C SER A 15 28.75 18.92 19.01
N ALA A 16 28.89 18.77 20.33
CA ALA A 16 29.48 17.58 20.92
C ALA A 16 28.68 16.31 20.55
N LEU A 17 27.37 16.45 20.61
CA LEU A 17 26.43 15.37 20.17
C LEU A 17 26.75 14.97 18.75
N GLU A 18 26.76 15.94 17.86
CA GLU A 18 27.02 15.67 16.43
C GLU A 18 28.35 15.04 16.16
N GLN A 19 29.41 15.42 16.88
N GLN A 19 29.38 15.54 16.81
CA GLN A 19 30.73 14.77 16.70
CA GLN A 19 30.69 15.02 16.58
C GLN A 19 30.77 13.29 17.11
C GLN A 19 30.66 13.54 16.89
N GLN A 20 30.13 12.94 18.21
N GLN A 20 30.11 13.18 18.05
CA GLN A 20 30.12 11.55 18.55
CA GLN A 20 30.12 11.78 18.47
C GLN A 20 29.13 10.79 17.67
C GLN A 20 29.23 10.94 17.55
N LEU A 21 28.02 11.41 17.31
CA LEU A 21 27.03 10.70 16.48
C LEU A 21 27.57 10.47 15.06
N ALA A 22 28.22 11.49 14.50
CA ALA A 22 28.82 11.30 13.17
C ALA A 22 29.87 10.21 13.19
N SER A 23 30.73 10.20 14.21
N SER A 23 30.69 10.20 14.24
CA SER A 23 31.74 9.15 14.31
CA SER A 23 31.73 9.18 14.38
C SER A 23 31.14 7.76 14.46
C SER A 23 31.15 7.77 14.49
N LYS A 24 30.11 7.59 15.31
CA LYS A 24 29.45 6.30 15.49
C LYS A 24 28.81 5.83 14.19
N ILE A 25 28.11 6.66 13.49
CA ILE A 25 27.48 6.31 12.22
C ILE A 25 28.51 5.93 11.21
N ALA A 26 29.53 6.75 11.04
CA ALA A 26 30.55 6.46 10.05
C ALA A 26 31.23 5.09 10.31
N SER A 27 31.54 4.82 11.58
N SER A 27 31.54 4.82 11.58
N SER A 27 31.55 4.79 11.57
CA SER A 27 32.16 3.56 11.98
CA SER A 27 32.15 3.56 11.97
CA SER A 27 32.20 3.53 11.90
C SER A 27 31.26 2.38 11.62
C SER A 27 31.26 2.38 11.62
C SER A 27 31.28 2.32 11.67
N GLN A 28 29.99 2.46 11.99
CA GLN A 28 29.04 1.40 11.67
C GLN A 28 28.84 1.19 10.17
N LEU A 29 28.82 2.26 9.39
CA LEU A 29 28.70 2.12 7.93
C LEU A 29 29.95 1.45 7.34
N GLN A 30 31.13 1.88 7.79
CA GLN A 30 32.34 1.24 7.30
C GLN A 30 32.42 -0.24 7.71
N GLU A 31 32.02 -0.58 8.93
N GLU A 31 32.04 -0.52 8.96
CA GLU A 31 32.03 -1.99 9.32
CA GLU A 31 31.89 -1.89 9.47
C GLU A 31 31.04 -2.82 8.47
C GLU A 31 31.08 -2.73 8.46
N ALA A 32 29.92 -2.21 8.06
CA ALA A 32 29.01 -2.86 7.18
C ALA A 32 29.57 -3.05 5.77
N VAL A 33 30.23 -2.04 5.23
CA VAL A 33 30.94 -2.17 3.94
C VAL A 33 31.98 -3.27 4.07
N ASP A 34 32.77 -3.29 5.14
CA ASP A 34 33.76 -4.36 5.31
C ASP A 34 33.10 -5.72 5.32
N ALA A 35 32.00 -5.89 6.05
CA ALA A 35 31.40 -7.20 6.19
C ALA A 35 30.69 -7.67 4.98
N ARG A 36 29.98 -6.78 4.31
CA ARG A 36 29.02 -7.14 3.25
C ARG A 36 29.26 -6.56 1.89
N GLY A 37 30.22 -5.65 1.79
CA GLY A 37 30.52 -4.99 0.56
C GLY A 37 29.75 -3.72 0.24
N LYS A 38 28.53 -3.59 0.76
CA LYS A 38 27.73 -2.39 0.57
C LYS A 38 26.97 -2.20 1.90
N ALA A 39 26.69 -0.96 2.22
CA ALA A 39 25.99 -0.64 3.45
C ALA A 39 24.80 0.24 3.08
N SER A 40 23.86 0.36 4.02
CA SER A 40 22.68 1.21 3.83
C SER A 40 22.44 2.08 5.06
N LEU A 41 22.10 3.33 4.76
CA LEU A 41 21.80 4.40 5.72
C LEU A 41 20.45 5.04 5.39
N VAL A 42 19.61 5.18 6.41
CA VAL A 42 18.35 5.92 6.30
C VAL A 42 18.51 7.14 7.16
N VAL A 43 18.21 8.30 6.62
CA VAL A 43 18.24 9.54 7.37
C VAL A 43 16.87 10.25 7.37
N SER A 44 16.67 11.10 8.38
CA SER A 44 15.50 11.92 8.50
C SER A 44 15.79 13.39 8.24
N GLY A 45 14.73 14.14 7.98
CA GLY A 45 14.82 15.55 7.58
C GLY A 45 14.65 16.53 8.71
N GLY A 46 14.31 17.77 8.35
CA GLY A 46 14.18 18.82 9.36
C GLY A 46 15.49 19.58 9.56
N SER A 47 15.44 20.55 10.47
CA SER A 47 16.63 21.34 10.80
C SER A 47 17.58 20.62 11.75
N THR A 48 17.06 19.70 12.56
CA THR A 48 17.91 19.06 13.59
C THR A 48 19.22 18.45 13.00
N PRO A 49 19.12 17.67 11.90
CA PRO A 49 20.32 16.95 11.45
C PRO A 49 21.27 17.67 10.57
N LEU A 50 21.05 18.96 10.24
CA LEU A 50 21.86 19.57 9.16
C LEU A 50 23.35 19.62 9.47
N LYS A 51 23.72 20.01 10.69
N LYS A 51 23.73 19.98 10.69
CA LYS A 51 25.13 20.01 11.06
CA LYS A 51 25.14 19.99 11.06
C LYS A 51 25.70 18.57 11.08
C LYS A 51 25.76 18.59 11.24
N LEU A 52 24.94 17.62 11.66
CA LEU A 52 25.34 16.21 11.61
C LEU A 52 25.67 15.77 10.18
N PHE A 53 24.80 16.14 9.25
CA PHE A 53 25.05 15.80 7.83
C PHE A 53 26.35 16.38 7.35
N GLN A 54 26.59 17.65 7.69
N GLN A 54 26.61 17.65 7.66
CA GLN A 54 27.83 18.32 7.27
CA GLN A 54 27.86 18.24 7.19
C GLN A 54 29.07 17.57 7.79
C GLN A 54 29.08 17.50 7.76
N LEU A 55 29.03 17.16 9.04
CA LEU A 55 30.15 16.42 9.64
C LEU A 55 30.31 15.05 9.00
N LEU A 56 29.17 14.37 8.79
CA LEU A 56 29.22 13.04 8.18
C LEU A 56 29.83 13.13 6.78
N SER A 57 29.49 14.20 6.02
CA SER A 57 29.96 14.37 4.68
C SER A 57 31.48 14.37 4.59
N LYS A 59 33.56 12.56 6.68
CA LYS A 59 34.15 11.32 7.20
C LYS A 59 34.76 10.49 6.06
N SER A 60 35.99 9.98 6.29
CA SER A 60 36.68 9.19 5.30
C SER A 60 36.34 7.70 5.45
N ILE A 61 35.20 7.35 4.85
CA ILE A 61 34.77 5.95 4.73
C ILE A 61 34.46 5.71 3.25
N ASP A 62 34.17 4.44 2.96
CA ASP A 62 33.86 4.00 1.59
C ASP A 62 32.43 4.42 1.20
N TRP A 63 32.17 5.73 1.10
CA TRP A 63 30.86 6.28 0.78
C TRP A 63 30.22 5.76 -0.51
N SER A 64 31.07 5.43 -1.48
CA SER A 64 30.56 4.94 -2.76
C SER A 64 29.93 3.56 -2.67
N ASP A 65 30.16 2.88 -1.56
CA ASP A 65 29.60 1.57 -1.27
C ASP A 65 28.46 1.74 -0.24
N VAL A 66 27.99 2.97 -0.01
CA VAL A 66 26.87 3.23 0.95
C VAL A 66 25.68 3.69 0.16
N TYR A 67 24.54 3.01 0.34
CA TYR A 67 23.26 3.39 -0.21
C TYR A 67 22.51 4.21 0.81
N ILE A 68 21.96 5.35 0.41
CA ILE A 68 21.29 6.24 1.33
C ILE A 68 19.88 6.56 0.87
N THR A 69 18.92 6.51 1.79
CA THR A 69 17.58 6.94 1.49
C THR A 69 16.98 7.71 2.68
N LEU A 70 15.72 8.09 2.56
CA LEU A 70 15.00 8.92 3.53
C LEU A 70 14.01 8.10 4.34
N ALA A 71 13.86 8.47 5.60
CA ALA A 71 12.83 7.89 6.43
C ALA A 71 11.43 8.21 5.94
N ASP A 72 11.31 9.39 5.35
CA ASP A 72 10.03 9.95 4.87
C ASP A 72 10.29 11.12 3.98
N GLU A 73 9.24 11.54 3.29
CA GLU A 73 9.36 12.64 2.36
C GLU A 73 8.02 13.34 2.26
N ARG A 74 8.07 14.65 2.06
CA ARG A 74 6.88 15.45 1.73
C ARG A 74 6.65 15.37 0.24
N TRP A 75 5.38 15.22 -0.16
CA TRP A 75 5.09 15.06 -1.60
C TRP A 75 5.05 16.45 -2.28
N VAL A 76 6.26 16.98 -2.51
CA VAL A 76 6.51 18.28 -3.07
C VAL A 76 7.72 18.07 -3.99
N GLU A 77 8.00 19.03 -4.89
CA GLU A 77 9.14 18.87 -5.77
C GLU A 77 10.42 18.74 -4.95
N ALA A 78 11.39 18.03 -5.51
CA ALA A 78 12.61 17.70 -4.78
C ALA A 78 13.54 18.91 -4.60
N ASP A 79 13.27 20.02 -5.30
CA ASP A 79 13.94 21.28 -5.06
C ASP A 79 13.11 22.29 -4.27
N ALA A 80 11.96 21.87 -3.72
CA ALA A 80 11.16 22.78 -2.94
C ALA A 80 11.65 22.94 -1.50
N ASP A 81 11.24 24.04 -0.87
N ASP A 81 11.22 24.03 -0.86
CA ASP A 81 11.58 24.32 0.52
CA ASP A 81 11.59 24.35 0.53
C ASP A 81 11.31 23.11 1.41
C ASP A 81 11.23 23.24 1.53
N ALA A 82 10.11 22.56 1.29
CA ALA A 82 9.66 21.48 2.18
C ALA A 82 10.23 20.08 1.86
N SER A 83 11.11 19.95 0.86
CA SER A 83 11.63 18.65 0.47
C SER A 83 12.74 18.17 1.41
N ASN A 84 12.62 16.95 1.92
CA ASN A 84 13.74 16.35 2.70
C ASN A 84 14.90 15.99 1.77
N GLU A 85 14.60 15.55 0.56
CA GLU A 85 15.65 15.25 -0.42
C GLU A 85 16.49 16.51 -0.65
N ARG A 86 15.88 17.66 -0.82
CA ARG A 86 16.65 18.87 -1.03
C ARG A 86 17.68 19.13 0.09
N LEU A 87 17.24 18.95 1.34
CA LEU A 87 18.14 19.14 2.48
C LEU A 87 19.28 18.12 2.48
N VAL A 88 18.99 16.86 2.17
CA VAL A 88 19.98 15.81 2.12
C VAL A 88 21.01 16.10 1.00
N ARG A 89 20.51 16.53 -0.15
CA ARG A 89 21.44 16.78 -1.24
C ARG A 89 22.32 18.00 -0.92
N GLU A 90 21.76 19.01 -0.26
N GLU A 90 21.76 19.01 -0.28
CA GLU A 90 22.51 20.25 0.02
CA GLU A 90 22.55 20.20 0.00
C GLU A 90 23.55 20.11 1.14
C GLU A 90 23.63 19.94 1.03
N HIS A 91 23.28 19.20 2.08
CA HIS A 91 24.12 19.10 3.25
C HIS A 91 24.87 17.78 3.45
N LEU A 92 24.27 16.63 3.10
CA LEU A 92 24.92 15.34 3.27
C LEU A 92 25.73 14.91 2.03
N LEU A 93 25.15 15.06 0.84
CA LEU A 93 25.73 14.48 -0.37
C LEU A 93 26.73 15.49 -0.94
N GLN A 94 27.72 15.77 -0.11
CA GLN A 94 28.75 16.80 -0.37
C GLN A 94 30.09 16.21 0.08
N ASN A 95 31.22 16.80 -0.33
CA ASN A 95 32.49 16.34 0.20
C ASN A 95 32.70 14.83 -0.06
N ARG A 96 33.19 14.06 0.92
CA ARG A 96 33.50 12.66 0.70
C ARG A 96 32.23 11.88 0.41
N ALA A 97 31.12 12.35 0.95
CA ALA A 97 29.85 11.63 0.72
C ALA A 97 29.14 11.96 -0.60
N SER A 98 29.70 12.88 -1.36
N SER A 98 29.67 12.82 -1.48
CA SER A 98 29.42 13.04 -2.75
CA SER A 98 28.90 13.35 -2.63
C SER A 98 29.33 11.67 -3.38
C SER A 98 28.41 12.33 -3.69
N ASN A 99 30.21 10.76 -2.92
N ASN A 99 29.12 11.20 -3.78
CA ASN A 99 30.41 9.49 -3.56
CA ASN A 99 28.85 10.06 -4.72
C ASN A 99 29.31 8.42 -3.29
C ASN A 99 28.08 8.95 -4.03
N ALA A 100 28.48 8.68 -2.27
N ALA A 100 27.50 9.23 -2.85
CA ALA A 100 27.45 7.74 -1.89
CA ALA A 100 26.78 8.21 -2.15
C ALA A 100 26.35 7.60 -2.93
C ALA A 100 25.63 7.73 -3.03
N LYS A 101 25.58 6.52 -2.79
N LYS A 101 25.29 6.46 -2.94
CA LYS A 101 24.48 6.19 -3.71
CA LYS A 101 24.21 5.95 -3.79
C LYS A 101 23.11 6.47 -3.09
C LYS A 101 22.89 6.39 -3.18
N PHE A 102 22.58 7.67 -3.34
CA PHE A 102 21.36 8.18 -2.74
C PHE A 102 20.15 7.91 -3.64
N ARG A 103 19.04 7.49 -3.03
CA ARG A 103 17.75 7.42 -3.72
C ARG A 103 16.69 8.10 -2.89
N GLY A 104 16.02 9.11 -3.43
CA GLY A 104 14.92 9.74 -2.72
C GLY A 104 13.66 8.92 -2.88
N LEU A 105 12.59 9.48 -2.35
CA LEU A 105 11.27 8.87 -2.40
C LEU A 105 10.32 9.57 -3.37
N LYS A 106 10.45 10.88 -3.56
CA LYS A 106 9.55 11.59 -4.50
C LYS A 106 9.76 11.08 -5.91
N ASN A 107 8.65 10.92 -6.64
CA ASN A 107 8.69 10.56 -8.08
C ASN A 107 7.61 11.36 -8.81
N PHE A 109 4.67 10.84 -9.95
CA PHE A 109 3.25 10.69 -9.63
C PHE A 109 2.74 11.90 -8.85
N SER A 110 1.46 12.25 -9.06
CA SER A 110 0.96 13.51 -8.55
C SER A 110 0.60 13.47 -7.05
N THR A 111 0.43 12.26 -6.51
CA THR A 111 0.21 12.07 -5.06
C THR A 111 1.05 10.94 -4.51
N ALA A 112 1.27 10.97 -3.20
CA ALA A 112 2.03 9.91 -2.54
C ALA A 112 1.35 8.56 -2.71
N GLU A 113 0.02 8.53 -2.69
CA GLU A 113 -0.70 7.27 -2.87
C GLU A 113 -0.33 6.69 -4.21
N ALA A 114 -0.38 7.50 -5.26
CA ALA A 114 -0.08 6.99 -6.60
C ALA A 114 1.38 6.64 -6.78
N GLY A 115 2.28 7.34 -6.07
CA GLY A 115 3.71 7.10 -6.21
C GLY A 115 4.35 6.05 -5.28
N ALA A 116 3.58 5.58 -4.32
CA ALA A 116 4.15 4.72 -3.26
C ALA A 116 4.73 3.43 -3.79
N ASP A 117 4.04 2.80 -4.75
CA ASP A 117 4.47 1.52 -5.20
C ASP A 117 5.81 1.61 -5.95
N ALA A 119 8.00 4.03 -5.48
CA ALA A 119 8.98 4.31 -4.42
C ALA A 119 9.44 2.99 -3.75
N ALA A 120 8.51 2.10 -3.38
CA ALA A 120 8.85 0.84 -2.69
C ALA A 120 9.75 -0.01 -3.61
N GLU A 121 9.42 -0.08 -4.90
N GLU A 121 9.37 -0.09 -4.90
CA GLU A 121 10.23 -0.88 -5.84
CA GLU A 121 10.17 -0.84 -5.87
C GLU A 121 11.60 -0.29 -6.09
C GLU A 121 11.58 -0.31 -5.93
N SER A 122 11.72 1.01 -5.95
CA SER A 122 13.01 1.65 -6.21
C SER A 122 14.03 1.36 -5.15
N LEU A 123 13.57 0.95 -3.98
CA LEU A 123 14.43 0.56 -2.87
C LEU A 123 14.66 -0.94 -2.73
N SER A 124 13.94 -1.75 -3.52
CA SER A 124 13.97 -3.22 -3.35
C SER A 124 15.40 -3.76 -3.41
N ASN A 125 16.27 -3.05 -4.14
CA ASN A 125 17.71 -3.22 -4.21
C ASN A 125 18.65 -2.72 -3.07
N PHE A 126 18.15 -1.90 -2.13
CA PHE A 126 19.01 -1.45 -1.02
C PHE A 126 19.35 -2.64 -0.16
N PRO A 127 20.57 -2.67 0.40
CA PRO A 127 20.91 -3.64 1.42
C PRO A 127 19.94 -3.55 2.60
N ARG A 128 19.34 -4.68 2.93
CA ARG A 128 18.46 -4.80 4.08
C ARG A 128 18.84 -6.09 4.82
N PRO A 129 18.86 -6.10 6.13
CA PRO A 129 18.47 -4.96 6.97
C PRO A 129 19.28 -3.70 6.80
N PHE A 130 18.67 -2.55 7.03
CA PHE A 130 19.38 -1.31 6.99
C PHE A 130 20.47 -1.32 8.05
N ASP A 131 21.67 -0.84 7.72
CA ASP A 131 22.73 -0.86 8.71
C ASP A 131 22.55 0.20 9.79
N VAL A 132 22.16 1.40 9.38
CA VAL A 132 21.97 2.53 10.31
C VAL A 132 20.71 3.32 9.90
N VAL A 133 19.83 3.57 10.85
CA VAL A 133 18.66 4.43 10.66
C VAL A 133 18.75 5.55 11.64
N VAL A 134 18.63 6.80 11.15
CA VAL A 134 18.67 8.01 11.98
C VAL A 134 17.29 8.63 11.93
N LEU A 135 16.64 8.68 13.09
CA LEU A 135 15.31 9.20 13.29
C LEU A 135 15.26 10.55 14.04
N GLY A 136 14.15 11.25 13.86
CA GLY A 136 13.78 12.36 14.71
C GLY A 136 12.44 12.07 15.36
N GLY A 138 8.82 14.35 16.55
CA GLY A 138 8.10 15.61 16.65
C GLY A 138 7.60 15.86 18.07
N ASN A 139 7.16 17.09 18.31
CA ASN A 139 6.58 17.45 19.61
C ASN A 139 5.28 16.75 19.89
N ASP A 140 4.66 16.16 18.87
CA ASP A 140 3.49 15.31 18.99
C ASP A 140 3.79 13.81 19.19
N GLY A 141 5.08 13.46 19.27
CA GLY A 141 5.48 12.06 19.31
C GLY A 141 5.57 11.28 18.02
N HIS A 142 5.35 11.94 16.88
CA HIS A 142 5.51 11.29 15.58
C HIS A 142 6.98 11.03 15.31
N THR A 143 7.23 10.04 14.46
CA THR A 143 8.55 9.82 13.88
C THR A 143 8.31 9.40 12.43
N CYS A 144 9.35 9.44 11.61
CA CYS A 144 9.11 9.24 10.14
C CYS A 144 7.95 10.13 9.75
N SER A 145 7.00 9.64 8.92
CA SER A 145 5.70 10.31 8.77
C SER A 145 4.59 9.42 9.33
N TRP A 146 4.87 8.81 10.48
CA TRP A 146 3.90 8.06 11.27
C TRP A 146 3.24 9.03 12.21
N PHE A 147 2.13 9.60 11.77
CA PHE A 147 1.50 10.67 12.50
C PHE A 147 0.25 10.16 13.23
N PRO A 148 0.09 10.54 14.47
CA PRO A 148 -1.10 10.11 15.21
C PRO A 148 -2.40 10.78 14.70
N CYS A 149 -2.26 11.85 13.95
CA CYS A 149 -3.41 12.53 13.37
C CYS A 149 -3.78 12.02 11.98
N SER A 150 -3.16 10.92 11.51
CA SER A 150 -3.40 10.43 10.14
C SER A 150 -4.22 9.13 10.13
N ALA A 151 -5.08 9.01 9.11
CA ALA A 151 -5.85 7.79 8.92
C ALA A 151 -5.03 6.56 8.59
N GLU A 152 -3.82 6.78 8.07
CA GLU A 152 -2.97 5.74 7.53
C GLU A 152 -1.98 5.21 8.56
N LEU A 153 -2.09 5.69 9.82
CA LEU A 153 -1.09 5.25 10.82
C LEU A 153 -1.06 3.72 10.99
N GLU A 154 -2.21 3.07 11.20
CA GLU A 154 -2.20 1.62 11.35
C GLU A 154 -1.56 0.91 10.16
N ASN A 155 -1.85 1.36 8.94
CA ASN A 155 -1.20 0.84 7.78
C ASN A 155 0.35 1.00 7.89
N ALA A 156 0.79 2.18 8.19
CA ALA A 156 2.24 2.37 8.33
C ALA A 156 2.83 1.42 9.35
N LEU A 157 2.12 1.20 10.45
CA LEU A 157 2.61 0.37 11.57
C LEU A 157 2.55 -1.13 11.31
N THR A 158 1.73 -1.55 10.32
CA THR A 158 1.48 -2.97 10.13
C THR A 158 1.72 -3.57 8.71
N THR A 159 1.90 -2.71 7.72
CA THR A 159 2.19 -3.15 6.37
C THR A 159 3.51 -3.86 6.27
N GLN A 160 3.61 -4.79 5.32
CA GLN A 160 4.91 -5.32 4.91
C GLN A 160 5.51 -4.60 3.75
N ALA A 161 4.80 -3.64 3.13
CA ALA A 161 5.42 -2.85 2.09
C ALA A 161 6.51 -1.96 2.68
N LEU A 162 7.49 -1.63 1.90
CA LEU A 162 8.59 -0.80 2.41
C LEU A 162 8.18 0.64 2.68
N CYS A 163 7.23 1.18 1.90
CA CYS A 163 6.78 2.54 2.13
C CYS A 163 5.32 2.69 1.75
N VAL A 164 4.68 3.64 2.42
CA VAL A 164 3.26 3.89 2.24
C VAL A 164 3.00 5.37 2.32
N ALA A 165 1.85 5.79 1.80
CA ALA A 165 1.46 7.17 1.92
C ALA A 165 0.80 7.43 3.23
N THR A 166 0.99 8.64 3.75
CA THR A 166 0.23 9.09 4.90
C THR A 166 -0.16 10.56 4.75
N ASN A 167 -1.24 10.97 5.40
CA ASN A 167 -1.79 12.32 5.26
C ASN A 167 -2.09 12.90 6.63
N PRO A 168 -1.08 13.46 7.28
CA PRO A 168 -1.36 14.11 8.53
C PRO A 168 -2.38 15.23 8.42
N THR A 169 -3.20 15.33 9.44
CA THR A 169 -4.12 16.44 9.54
C THR A 169 -3.66 17.60 10.39
N THR A 170 -2.54 17.43 11.07
CA THR A 170 -1.96 18.46 11.96
C THR A 170 -0.60 18.98 11.46
N ALA A 171 -0.19 18.54 10.28
CA ALA A 171 1.06 18.97 9.64
C ALA A 171 0.81 19.02 8.13
N PRO A 172 1.55 19.91 7.43
CA PRO A 172 1.34 20.08 6.00
C PRO A 172 1.91 18.95 5.14
N HIS A 173 1.35 18.86 3.95
CA HIS A 173 1.84 18.06 2.81
C HIS A 173 1.46 16.58 2.92
N GLY A 174 1.05 16.04 1.81
CA GLY A 174 0.99 14.59 1.68
C GLY A 174 2.39 14.04 1.96
N ARG A 175 2.46 12.81 2.47
CA ARG A 175 3.72 12.21 2.86
C ARG A 175 3.85 10.81 2.28
N ILE A 176 5.10 10.45 2.03
N ILE A 176 5.10 10.42 1.99
CA ILE A 176 5.46 9.05 1.89
CA ILE A 176 5.47 9.01 1.79
C ILE A 176 6.33 8.75 3.10
C ILE A 176 6.46 8.67 2.92
N THR A 177 6.20 7.55 3.61
CA THR A 177 7.02 7.13 4.75
C THR A 177 7.50 5.72 4.56
N LEU A 178 8.68 5.45 5.07
CA LEU A 178 9.04 4.06 5.28
C LEU A 178 8.12 3.50 6.36
N SER A 179 7.82 2.22 6.23
CA SER A 179 6.97 1.51 7.17
C SER A 179 7.70 1.12 8.44
N LYS A 180 6.94 0.82 9.48
N LYS A 180 6.93 0.79 9.47
CA LYS A 180 7.55 0.26 10.69
CA LYS A 180 7.49 0.26 10.71
C LYS A 180 8.33 -1.00 10.37
C LYS A 180 8.26 -1.03 10.47
N SER A 181 7.75 -1.91 9.60
CA SER A 181 8.45 -3.14 9.30
C SER A 181 9.80 -2.86 8.64
N ALA A 182 9.84 -1.88 7.73
CA ALA A 182 11.11 -1.50 7.08
C ALA A 182 12.09 -0.88 8.08
N ILE A 183 11.62 0.04 8.89
CA ILE A 183 12.50 0.78 9.86
C ILE A 183 13.06 -0.17 10.88
N LEU A 184 12.24 -1.10 11.39
CA LEU A 184 12.71 -2.05 12.41
C LEU A 184 13.55 -3.18 11.86
N ASN A 185 13.55 -3.38 10.54
CA ASN A 185 14.46 -4.36 9.91
C ASN A 185 15.79 -3.65 9.64
N SER A 186 16.44 -3.36 10.76
N SER A 186 16.53 -3.42 10.75
CA SER A 186 17.64 -2.59 10.80
CA SER A 186 17.74 -2.57 10.81
C SER A 186 18.48 -3.12 11.92
C SER A 186 18.72 -3.01 11.91
N ARG A 187 19.75 -2.77 11.84
N ARG A 187 20.01 -2.76 11.72
CA ARG A 187 20.77 -3.19 12.79
CA ARG A 187 21.01 -3.16 12.71
C ARG A 187 20.95 -2.21 13.95
C ARG A 187 21.19 -2.17 13.86
N GLN A 188 20.78 -0.90 13.66
CA GLN A 188 20.99 0.14 14.64
C GLN A 188 20.10 1.34 14.29
N ILE A 189 19.35 1.85 15.29
CA ILE A 189 18.63 3.09 15.15
C ILE A 189 19.18 4.10 16.11
N TYR A 190 19.28 5.36 15.64
CA TYR A 190 19.61 6.52 16.47
C TYR A 190 18.45 7.45 16.49
N LEU A 191 18.07 7.96 17.66
CA LEU A 191 17.08 9.00 17.76
C LEU A 191 17.79 10.28 18.20
N HIS A 192 17.79 11.32 17.35
CA HIS A 192 18.56 12.54 17.52
C HIS A 192 17.57 13.59 17.96
N LEU A 193 17.73 14.04 19.20
CA LEU A 193 16.87 15.04 19.80
C LEU A 193 17.68 16.25 20.32
N VAL A 194 17.12 17.46 20.21
CA VAL A 194 17.72 18.66 20.76
C VAL A 194 16.68 19.48 21.51
N GLY A 195 17.07 19.95 22.69
CA GLY A 195 16.30 20.96 23.44
C GLY A 195 15.43 20.43 24.54
N GLU A 196 15.09 21.31 25.46
N GLU A 196 15.09 21.31 25.46
CA GLU A 196 14.32 20.89 26.63
CA GLU A 196 14.32 20.90 26.65
C GLU A 196 12.92 20.41 26.28
C GLU A 196 12.93 20.41 26.27
N GLN A 197 12.28 21.03 25.29
CA GLN A 197 10.96 20.57 24.87
C GLN A 197 10.98 19.12 24.37
N LYS A 198 11.93 18.82 23.47
CA LYS A 198 12.05 17.43 22.99
C LYS A 198 12.34 16.47 24.11
N LEU A 199 13.16 16.88 25.08
CA LEU A 199 13.44 15.96 26.22
C LEU A 199 12.12 15.69 26.97
N SER A 200 11.32 16.73 27.19
N SER A 200 11.31 16.72 27.18
CA SER A 200 10.03 16.55 27.87
CA SER A 200 10.03 16.52 27.87
C SER A 200 9.11 15.58 27.09
C SER A 200 9.10 15.58 27.09
N VAL A 201 9.03 15.76 25.78
CA VAL A 201 8.21 14.89 24.92
C VAL A 201 8.73 13.46 24.90
N TYR A 202 10.06 13.29 24.88
CA TYR A 202 10.67 11.94 24.99
C TYR A 202 10.26 11.26 26.32
N ARG A 203 10.35 11.99 27.42
CA ARG A 203 9.91 11.43 28.71
C ARG A 203 8.42 11.06 28.65
N GLN A 204 7.60 11.90 28.03
N GLN A 204 7.63 11.91 28.03
CA GLN A 204 6.20 11.52 27.84
CA GLN A 204 6.21 11.60 27.83
C GLN A 204 6.06 10.25 27.03
C GLN A 204 6.04 10.32 27.01
N ALA A 205 6.87 10.13 25.97
CA ALA A 205 6.80 8.94 25.17
C ALA A 205 7.07 7.68 25.99
N LEU A 206 8.01 7.73 26.96
CA LEU A 206 8.29 6.57 27.80
C LEU A 206 7.17 6.20 28.77
N GLU A 207 6.20 7.09 28.96
CA GLU A 207 5.09 6.87 29.94
C GLU A 207 4.17 5.70 29.56
N SER A 208 4.30 5.18 28.34
N SER A 208 4.10 5.35 28.27
CA SER A 208 3.41 4.15 27.84
CA SER A 208 3.23 4.26 27.82
C SER A 208 3.93 3.55 26.56
C SER A 208 3.77 3.66 26.52
N ASP A 209 3.32 2.43 26.20
CA ASP A 209 3.58 1.81 24.92
C ASP A 209 2.39 1.92 23.95
N ASP A 210 1.56 2.95 24.14
CA ASP A 210 0.39 3.30 23.24
C ASP A 210 0.96 4.01 21.98
N VAL A 211 1.22 3.22 20.95
N VAL A 211 1.19 3.20 20.95
CA VAL A 211 1.86 3.73 19.74
CA VAL A 211 1.84 3.64 19.71
C VAL A 211 0.92 4.68 18.98
C VAL A 211 0.93 4.52 18.84
N HIS A 212 -0.39 4.46 19.06
CA HIS A 212 -1.30 5.31 18.35
C HIS A 212 -1.31 6.71 18.85
N ALA A 213 -1.03 6.92 20.13
CA ALA A 213 -0.93 8.28 20.66
C ALA A 213 0.42 8.94 20.29
N PRO A 215 3.64 7.70 18.00
CA PRO A 215 4.20 6.59 17.20
C PRO A 215 5.72 6.29 17.38
N ILE A 216 6.48 7.25 17.89
CA ILE A 216 7.86 7.00 18.28
C ILE A 216 7.96 5.78 19.24
N ARG A 217 6.88 5.55 20.03
CA ARG A 217 6.90 4.38 20.88
C ARG A 217 7.06 3.06 20.18
N ALA A 218 6.65 2.96 18.90
CA ALA A 218 6.86 1.73 18.17
C ALA A 218 8.33 1.35 18.03
N VAL A 219 9.18 2.37 18.02
CA VAL A 219 10.63 2.23 18.01
C VAL A 219 11.20 2.05 19.44
N LEU A 220 10.67 2.84 20.37
CA LEU A 220 11.21 2.81 21.76
C LEU A 220 10.82 1.60 22.56
N ALA A 221 9.66 1.02 22.26
CA ALA A 221 9.11 -0.04 23.09
C ALA A 221 9.64 -1.40 22.73
N GLN A 222 10.16 -1.58 21.54
CA GLN A 222 10.64 -2.87 21.05
C GLN A 222 12.08 -3.15 21.53
N ARG A 223 12.44 -4.44 21.56
CA ARG A 223 13.69 -4.93 22.11
C ARG A 223 14.63 -5.63 21.18
N LYS A 224 14.26 -5.79 19.93
N LYS A 224 14.28 -5.75 19.92
CA LYS A 224 15.10 -6.51 19.01
CA LYS A 224 15.06 -6.52 18.94
C LYS A 224 16.17 -5.62 18.41
C LYS A 224 16.04 -5.71 18.08
N THR A 225 15.80 -4.41 17.98
CA THR A 225 16.72 -3.54 17.28
C THR A 225 17.21 -2.46 18.24
N PRO A 226 18.51 -2.38 18.41
CA PRO A 226 19.07 -1.37 19.29
C PRO A 226 18.68 0.03 18.90
N VAL A 227 18.34 0.83 19.90
CA VAL A 227 18.00 2.23 19.72
C VAL A 227 18.82 3.02 20.72
N ASP A 228 19.62 3.97 20.21
CA ASP A 228 20.41 4.83 21.07
C ASP A 228 19.85 6.27 20.91
N VAL A 229 19.43 6.89 22.01
CA VAL A 229 18.91 8.26 21.96
C VAL A 229 20.01 9.24 22.31
N PHE A 230 20.28 10.17 21.39
CA PHE A 230 21.30 11.21 21.54
C PHE A 230 20.63 12.54 21.78
N TRP A 231 21.00 13.24 22.86
CA TRP A 231 20.32 14.47 23.21
C TRP A 231 21.28 15.52 23.73
N SER A 232 20.99 16.79 23.44
CA SER A 232 21.61 17.97 24.11
C SER A 232 20.56 19.02 24.29
N ALA A 233 20.69 19.85 25.32
CA ALA A 233 19.81 21.01 25.48
C ALA A 233 20.06 22.01 24.35
N GLY B 1 -19.41 16.17 -14.00
CA GLY B 1 -20.70 16.09 -14.71
C GLY B 1 -21.33 14.70 -14.67
N ILE B 3 -22.86 11.21 -16.03
CA ILE B 3 -22.30 10.10 -16.85
C ILE B 3 -23.32 9.79 -17.92
N LYS B 4 -23.05 10.17 -19.17
CA LYS B 4 -24.04 10.07 -20.24
C LYS B 4 -23.83 8.86 -21.16
N GLU B 5 -22.65 8.29 -21.22
CA GLU B 5 -22.40 7.15 -22.09
C GLU B 5 -22.55 5.90 -21.28
N THR B 6 -23.50 5.03 -21.67
CA THR B 6 -23.78 3.77 -21.01
C THR B 6 -24.04 2.71 -22.04
N VAL B 7 -23.85 1.47 -21.58
CA VAL B 7 -24.28 0.23 -22.27
C VAL B 7 -25.08 -0.56 -21.23
N PHE B 8 -26.39 -0.67 -21.47
CA PHE B 8 -27.32 -1.23 -20.49
C PHE B 8 -28.16 -2.34 -21.13
N LYS B 9 -28.13 -3.53 -20.54
CA LYS B 9 -28.87 -4.68 -21.01
C LYS B 9 -29.80 -5.16 -19.92
N SER B 10 -31.11 -5.11 -20.20
CA SER B 10 -32.12 -5.59 -19.24
C SER B 10 -32.68 -6.93 -19.72
N PHE B 11 -33.20 -7.71 -18.76
CA PHE B 11 -33.72 -9.05 -19.03
C PHE B 11 -35.01 -9.25 -18.22
N ASP B 12 -35.82 -10.18 -18.72
N ASP B 12 -35.81 -10.20 -18.67
CA ASP B 12 -37.08 -10.56 -18.07
CA ASP B 12 -37.08 -10.38 -18.00
C ASP B 12 -36.86 -11.01 -16.63
C ASP B 12 -36.98 -11.19 -16.71
N THR B 13 -35.85 -11.86 -16.46
CA THR B 13 -35.60 -12.54 -15.20
C THR B 13 -34.12 -12.60 -14.93
N PRO B 14 -33.75 -12.82 -13.68
CA PRO B 14 -32.34 -13.15 -13.39
C PRO B 14 -31.78 -14.34 -14.15
N SER B 15 -32.60 -15.35 -14.34
N SER B 15 -32.55 -15.39 -14.40
CA SER B 15 -32.22 -16.52 -15.10
CA SER B 15 -32.01 -16.54 -15.15
C SER B 15 -31.76 -16.11 -16.49
C SER B 15 -31.74 -16.17 -16.61
N ALA B 16 -32.59 -15.34 -17.20
CA ALA B 16 -32.28 -14.92 -18.58
C ALA B 16 -30.99 -14.07 -18.59
N LEU B 17 -30.87 -13.19 -17.62
CA LEU B 17 -29.65 -12.36 -17.46
C LEU B 17 -28.43 -13.27 -17.37
N GLU B 18 -28.50 -14.21 -16.44
CA GLU B 18 -27.37 -15.13 -16.20
C GLU B 18 -27.00 -15.96 -17.40
N GLN B 19 -27.99 -16.53 -18.08
N GLN B 19 -27.98 -16.37 -18.22
CA GLN B 19 -27.70 -17.38 -19.21
CA GLN B 19 -27.71 -17.09 -19.47
C GLN B 19 -26.87 -16.57 -20.18
C GLN B 19 -26.95 -16.28 -20.55
N GLN B 20 -27.31 -15.33 -20.44
N GLN B 20 -27.33 -15.00 -20.74
CA GLN B 20 -26.64 -14.53 -21.46
CA GLN B 20 -26.61 -14.19 -21.66
C GLN B 20 -25.25 -14.12 -21.01
C GLN B 20 -25.23 -13.88 -21.10
N LEU B 21 -25.18 -13.58 -19.80
CA LEU B 21 -23.90 -13.12 -19.22
C LEU B 21 -22.87 -14.25 -19.18
N ALA B 22 -23.29 -15.45 -18.79
CA ALA B 22 -22.36 -16.57 -18.80
C ALA B 22 -21.84 -16.87 -20.19
N SER B 23 -22.70 -16.77 -21.21
N SER B 23 -22.70 -16.77 -21.21
CA SER B 23 -22.27 -16.97 -22.57
CA SER B 23 -22.25 -16.97 -22.58
C SER B 23 -21.27 -15.93 -23.06
C SER B 23 -21.24 -15.93 -23.05
N LYS B 24 -21.54 -14.66 -22.76
CA LYS B 24 -20.64 -13.57 -23.15
C LYS B 24 -19.28 -13.71 -22.49
N ILE B 25 -19.28 -13.99 -21.21
CA ILE B 25 -18.01 -14.21 -20.48
C ILE B 25 -17.20 -15.39 -21.02
N ALA B 26 -17.86 -16.51 -21.20
CA ALA B 26 -17.15 -17.70 -21.67
C ALA B 26 -16.56 -17.48 -23.06
N SER B 27 -17.29 -16.82 -23.94
N SER B 27 -17.31 -16.82 -23.94
CA SER B 27 -16.78 -16.53 -25.28
CA SER B 27 -16.86 -16.48 -25.29
C SER B 27 -15.55 -15.64 -25.22
C SER B 27 -15.58 -15.63 -25.22
N GLN B 28 -15.58 -14.60 -24.39
CA GLN B 28 -14.42 -13.68 -24.28
C GLN B 28 -13.23 -14.40 -23.66
N LEU B 29 -13.49 -15.28 -22.68
CA LEU B 29 -12.39 -16.07 -22.10
C LEU B 29 -11.75 -17.00 -23.11
N GLN B 30 -12.56 -17.70 -23.89
CA GLN B 30 -12.01 -18.60 -24.89
C GLN B 30 -11.27 -17.81 -25.97
N GLU B 31 -11.81 -16.64 -26.35
CA GLU B 31 -11.12 -15.82 -27.36
C GLU B 31 -9.77 -15.38 -26.85
N ALA B 32 -9.66 -15.06 -25.56
CA ALA B 32 -8.36 -14.73 -24.96
C ALA B 32 -7.39 -15.90 -24.99
N VAL B 33 -7.89 -17.08 -24.64
CA VAL B 33 -7.08 -18.32 -24.70
C VAL B 33 -6.59 -18.55 -26.13
N ASP B 34 -7.46 -18.35 -27.10
CA ASP B 34 -7.09 -18.58 -28.51
C ASP B 34 -6.00 -17.57 -28.93
N ALA B 35 -6.11 -16.33 -28.50
CA ALA B 35 -5.16 -15.26 -28.89
C ALA B 35 -3.83 -15.34 -28.16
N ARG B 36 -3.87 -15.67 -26.88
CA ARG B 36 -2.72 -15.49 -25.98
C ARG B 36 -2.30 -16.70 -25.20
N GLY B 37 -3.06 -17.79 -25.31
CA GLY B 37 -2.70 -19.05 -24.68
C GLY B 37 -3.19 -19.16 -23.25
N LYS B 38 -3.65 -18.05 -22.69
CA LYS B 38 -4.20 -18.00 -21.36
C LYS B 38 -5.17 -16.85 -21.26
N ALA B 39 -6.04 -16.89 -20.24
CA ALA B 39 -7.06 -15.86 -20.04
C ALA B 39 -7.11 -15.55 -18.56
N SER B 40 -7.57 -14.35 -18.20
CA SER B 40 -7.86 -14.09 -16.79
C SER B 40 -9.25 -13.51 -16.58
N LEU B 41 -9.82 -13.94 -15.46
CA LEU B 41 -11.14 -13.58 -15.02
C LEU B 41 -11.06 -13.08 -13.58
N VAL B 42 -11.70 -11.96 -13.33
CA VAL B 42 -11.92 -11.47 -11.96
C VAL B 42 -13.40 -11.51 -11.66
N VAL B 43 -13.78 -12.09 -10.53
CA VAL B 43 -15.17 -12.16 -10.10
C VAL B 43 -15.41 -11.52 -8.74
N SER B 44 -16.64 -11.09 -8.53
CA SER B 44 -17.07 -10.53 -7.26
C SER B 44 -17.98 -11.47 -6.50
N GLY B 45 -18.13 -11.20 -5.21
CA GLY B 45 -18.87 -12.08 -4.29
C GLY B 45 -20.28 -11.68 -4.00
N GLY B 46 -20.79 -12.12 -2.87
CA GLY B 46 -22.20 -11.89 -2.54
C GLY B 46 -23.11 -12.97 -3.13
N SER B 47 -24.41 -12.80 -2.90
N SER B 47 -24.41 -12.80 -2.93
CA SER B 47 -25.43 -13.72 -3.41
CA SER B 47 -25.38 -13.77 -3.43
C SER B 47 -25.73 -13.53 -4.88
C SER B 47 -25.78 -13.53 -4.89
N THR B 48 -25.57 -12.31 -5.40
CA THR B 48 -26.01 -12.01 -6.73
C THR B 48 -25.41 -12.96 -7.78
N PRO B 49 -24.10 -13.25 -7.74
CA PRO B 49 -23.51 -14.04 -8.82
C PRO B 49 -23.60 -15.60 -8.68
N LEU B 50 -24.22 -16.15 -7.64
CA LEU B 50 -24.09 -17.59 -7.41
C LEU B 50 -24.62 -18.45 -8.57
N LYS B 51 -25.78 -18.09 -9.13
CA LYS B 51 -26.33 -18.83 -10.26
C LYS B 51 -25.51 -18.63 -11.52
N LEU B 52 -25.00 -17.41 -11.72
CA LEU B 52 -24.07 -17.16 -12.80
C LEU B 52 -22.85 -18.06 -12.74
N PHE B 53 -22.27 -18.17 -11.57
CA PHE B 53 -21.13 -19.06 -11.35
C PHE B 53 -21.47 -20.51 -11.73
N GLN B 54 -22.65 -20.98 -11.33
N GLN B 54 -22.65 -20.99 -11.31
CA GLN B 54 -23.05 -22.35 -11.65
CA GLN B 54 -23.07 -22.36 -11.69
C GLN B 54 -23.15 -22.52 -13.18
C GLN B 54 -23.08 -22.49 -13.20
N LEU B 55 -23.73 -21.54 -13.88
CA LEU B 55 -23.82 -21.65 -15.31
C LEU B 55 -22.44 -21.59 -15.97
N LEU B 56 -21.58 -20.67 -15.50
N LEU B 56 -21.60 -20.68 -15.49
CA LEU B 56 -20.23 -20.56 -16.06
CA LEU B 56 -20.28 -20.53 -16.07
C LEU B 56 -19.48 -21.85 -15.92
C LEU B 56 -19.45 -21.81 -15.90
N SER B 57 -19.64 -22.48 -14.77
CA SER B 57 -18.92 -23.73 -14.45
C SER B 57 -19.18 -24.83 -15.46
N LYS B 59 -19.74 -24.25 -18.81
CA LYS B 59 -19.36 -23.86 -20.15
C LYS B 59 -18.14 -24.66 -20.65
N SER B 60 -18.19 -25.07 -21.91
N SER B 60 -18.22 -25.12 -21.89
CA SER B 60 -17.15 -25.92 -22.52
CA SER B 60 -17.15 -25.88 -22.50
C SER B 60 -15.99 -25.10 -23.14
C SER B 60 -16.14 -24.92 -23.15
N ILE B 61 -15.24 -24.42 -22.30
CA ILE B 61 -14.09 -23.63 -22.74
C ILE B 61 -12.87 -24.23 -22.08
N ASP B 62 -11.70 -23.72 -22.46
CA ASP B 62 -10.41 -24.23 -21.97
C ASP B 62 -10.11 -23.69 -20.56
N TRP B 63 -10.89 -24.12 -19.58
CA TRP B 63 -10.78 -23.64 -18.22
C TRP B 63 -9.41 -23.82 -17.55
N SER B 64 -8.69 -24.87 -17.94
N SER B 64 -8.70 -24.87 -17.95
CA SER B 64 -7.35 -25.10 -17.40
CA SER B 64 -7.35 -25.11 -17.42
C SER B 64 -6.36 -23.98 -17.77
C SER B 64 -6.39 -23.96 -17.75
N ASP B 65 -6.70 -23.21 -18.82
CA ASP B 65 -5.88 -22.05 -19.24
C ASP B 65 -6.45 -20.71 -18.77
N VAL B 66 -7.45 -20.74 -17.87
CA VAL B 66 -8.06 -19.54 -17.30
C VAL B 66 -7.62 -19.38 -15.84
N TYR B 67 -7.07 -18.21 -15.57
CA TYR B 67 -6.68 -17.74 -14.26
C TYR B 67 -7.79 -16.91 -13.66
N ILE B 68 -8.18 -17.20 -12.42
CA ILE B 68 -9.35 -16.56 -11.82
C ILE B 68 -8.91 -15.99 -10.50
N THR B 69 -9.31 -14.75 -10.23
CA THR B 69 -9.17 -14.20 -8.88
C THR B 69 -10.38 -13.39 -8.49
N LEU B 70 -10.30 -12.73 -7.34
CA LEU B 70 -11.40 -11.99 -6.75
C LEU B 70 -11.21 -10.49 -6.86
N ALA B 71 -12.32 -9.78 -7.00
CA ALA B 71 -12.29 -8.31 -6.98
C ALA B 71 -11.92 -7.78 -5.59
N ASP B 72 -12.35 -8.54 -4.59
CA ASP B 72 -12.15 -8.17 -3.18
C ASP B 72 -12.41 -9.37 -2.30
N GLU B 73 -12.02 -9.26 -1.03
CA GLU B 73 -12.21 -10.33 -0.07
C GLU B 73 -12.35 -9.75 1.33
N ARG B 74 -13.15 -10.44 2.13
CA ARG B 74 -13.29 -10.14 3.56
C ARG B 74 -12.14 -10.83 4.28
N TRP B 75 -11.56 -10.16 5.27
CA TRP B 75 -10.38 -10.71 5.95
C TRP B 75 -10.85 -11.66 7.06
N VAL B 76 -11.33 -12.82 6.60
CA VAL B 76 -11.88 -13.93 7.40
C VAL B 76 -11.30 -15.20 6.80
N GLU B 77 -11.40 -16.31 7.52
CA GLU B 77 -10.86 -17.56 7.01
C GLU B 77 -11.55 -17.92 5.69
N ALA B 78 -10.79 -18.50 4.79
CA ALA B 78 -11.25 -18.76 3.42
C ALA B 78 -12.42 -19.74 3.36
N ASP B 79 -12.74 -20.38 4.51
CA ASP B 79 -13.91 -21.25 4.65
C ASP B 79 -15.05 -20.70 5.57
N ALA B 80 -14.97 -19.43 5.97
CA ALA B 80 -15.99 -18.75 6.77
C ALA B 80 -17.21 -18.34 5.91
N ASP B 81 -18.34 -18.13 6.58
N ASP B 81 -18.35 -18.12 6.56
CA ASP B 81 -19.57 -17.68 5.93
CA ASP B 81 -19.58 -17.72 5.87
C ASP B 81 -19.31 -16.47 5.02
C ASP B 81 -19.41 -16.42 5.05
N ALA B 82 -18.59 -15.49 5.55
CA ALA B 82 -18.33 -14.22 4.88
C ALA B 82 -17.21 -14.24 3.83
N SER B 83 -16.63 -15.39 3.56
CA SER B 83 -15.51 -15.46 2.59
C SER B 83 -16.02 -15.49 1.16
N ASN B 84 -15.53 -14.56 0.33
CA ASN B 84 -15.79 -14.63 -1.11
C ASN B 84 -15.13 -15.85 -1.75
N GLU B 85 -13.92 -16.17 -1.33
CA GLU B 85 -13.23 -17.35 -1.80
C GLU B 85 -14.08 -18.62 -1.61
N ARG B 86 -14.73 -18.74 -0.45
CA ARG B 86 -15.57 -19.89 -0.17
C ARG B 86 -16.64 -20.02 -1.24
N LEU B 87 -17.28 -18.90 -1.56
CA LEU B 87 -18.37 -18.91 -2.51
C LEU B 87 -17.87 -19.32 -3.88
N VAL B 88 -16.74 -18.76 -4.33
CA VAL B 88 -16.18 -19.11 -5.63
C VAL B 88 -15.83 -20.60 -5.69
N ARG B 89 -15.20 -21.11 -4.64
CA ARG B 89 -14.79 -22.52 -4.65
C ARG B 89 -16.00 -23.45 -4.70
N GLU B 90 -17.07 -23.08 -4.01
N GLU B 90 -17.07 -23.09 -3.98
CA GLU B 90 -18.28 -23.89 -3.92
CA GLU B 90 -18.27 -23.93 -3.96
C GLU B 90 -19.14 -23.85 -5.17
C GLU B 90 -19.01 -23.91 -5.28
N HIS B 91 -19.17 -22.72 -5.87
CA HIS B 91 -20.11 -22.52 -6.99
C HIS B 91 -19.48 -22.41 -8.38
N LEU B 92 -18.31 -21.80 -8.46
CA LEU B 92 -17.63 -21.60 -9.74
C LEU B 92 -16.64 -22.71 -10.08
N LEU B 93 -15.82 -23.12 -9.12
CA LEU B 93 -14.73 -24.08 -9.37
C LEU B 93 -15.27 -25.50 -9.25
N GLN B 94 -16.19 -25.80 -10.17
CA GLN B 94 -16.95 -27.04 -10.19
C GLN B 94 -17.12 -27.44 -11.64
N ASN B 95 -17.57 -28.68 -11.88
CA ASN B 95 -17.89 -29.07 -13.24
C ASN B 95 -16.72 -28.83 -14.18
N ARG B 96 -16.97 -28.23 -15.34
CA ARG B 96 -15.88 -28.04 -16.32
C ARG B 96 -14.85 -27.02 -15.85
N ALA B 97 -15.24 -26.13 -14.95
CA ALA B 97 -14.31 -25.14 -14.39
C ALA B 97 -13.49 -25.64 -13.17
N SER B 98 -13.65 -26.90 -12.81
N SER B 98 -13.63 -26.90 -12.80
CA SER B 98 -12.93 -27.50 -11.68
CA SER B 98 -12.92 -27.43 -11.64
C SER B 98 -11.43 -27.27 -11.72
C SER B 98 -11.41 -27.31 -11.71
N ASN B 99 -10.81 -27.33 -12.90
CA ASN B 99 -9.35 -27.19 -12.96
C ASN B 99 -8.88 -25.83 -13.46
N ALA B 100 -9.75 -24.81 -13.31
CA ALA B 100 -9.31 -23.43 -13.53
C ALA B 100 -8.27 -23.07 -12.49
N LYS B 101 -7.40 -22.12 -12.83
N LYS B 101 -7.40 -22.13 -12.85
CA LYS B 101 -6.31 -21.69 -11.96
CA LYS B 101 -6.32 -21.70 -11.98
C LYS B 101 -6.71 -20.53 -11.05
C LYS B 101 -6.76 -20.53 -11.09
N PHE B 102 -7.37 -20.87 -9.96
CA PHE B 102 -7.85 -19.88 -9.03
C PHE B 102 -6.81 -19.48 -8.02
N ARG B 103 -6.78 -18.20 -7.70
N ARG B 103 -6.74 -18.17 -7.77
CA ARG B 103 -5.99 -17.75 -6.58
CA ARG B 103 -5.97 -17.61 -6.66
C ARG B 103 -6.68 -16.65 -5.81
C ARG B 103 -6.83 -16.68 -5.82
N GLY B 104 -6.84 -16.91 -4.51
CA GLY B 104 -7.56 -16.04 -3.60
C GLY B 104 -6.72 -14.85 -3.17
N LEU B 105 -7.29 -14.04 -2.28
CA LEU B 105 -6.62 -12.89 -1.71
C LEU B 105 -6.27 -13.07 -0.23
N LYS B 106 -7.05 -13.86 0.49
CA LYS B 106 -6.75 -14.11 1.90
C LYS B 106 -5.44 -14.87 2.03
N ASN B 107 -4.63 -14.45 3.02
CA ASN B 107 -3.40 -15.14 3.39
C ASN B 107 -3.29 -15.17 4.91
N PHE B 109 -1.54 -13.64 7.11
CA PHE B 109 -1.37 -12.43 7.89
C PHE B 109 -2.65 -12.10 8.65
N SER B 110 -2.50 -11.47 9.84
CA SER B 110 -3.62 -11.34 10.74
C SER B 110 -4.59 -10.21 10.36
N THR B 111 -4.12 -9.25 9.56
CA THR B 111 -5.01 -8.19 9.06
C THR B 111 -4.77 -8.00 7.56
N ALA B 112 -5.76 -7.41 6.88
CA ALA B 112 -5.56 -7.00 5.50
C ALA B 112 -4.37 -6.08 5.27
N GLU B 113 -4.12 -5.13 6.18
CA GLU B 113 -2.99 -4.25 6.02
C GLU B 113 -1.68 -5.06 5.99
N ALA B 114 -1.53 -6.00 6.91
CA ALA B 114 -0.31 -6.82 6.98
C ALA B 114 -0.19 -7.78 5.79
N GLY B 115 -1.34 -8.23 5.28
CA GLY B 115 -1.35 -9.20 4.20
C GLY B 115 -1.36 -8.61 2.80
N ALA B 116 -1.56 -7.30 2.66
CA ALA B 116 -1.81 -6.71 1.34
C ALA B 116 -0.63 -6.84 0.37
N ASP B 117 0.59 -6.63 0.86
CA ASP B 117 1.73 -6.74 0.01
C ASP B 117 1.92 -8.15 -0.57
N ALA B 119 -0.45 -10.32 -0.95
CA ALA B 119 -1.56 -10.52 -1.90
C ALA B 119 -1.22 -9.86 -3.24
N ALA B 120 -0.72 -8.61 -3.19
CA ALA B 120 -0.33 -7.91 -4.40
C ALA B 120 0.74 -8.67 -5.19
N GLU B 121 1.78 -9.13 -4.52
N GLU B 121 1.77 -9.12 -4.49
CA GLU B 121 2.85 -9.85 -5.22
CA GLU B 121 2.84 -9.88 -5.12
C GLU B 121 2.34 -11.19 -5.80
C GLU B 121 2.32 -11.16 -5.79
N SER B 122 1.35 -11.81 -5.17
CA SER B 122 0.79 -13.07 -5.67
C SER B 122 0.07 -12.90 -7.00
N LEU B 123 -0.32 -11.67 -7.31
CA LEU B 123 -0.93 -11.35 -8.62
C LEU B 123 0.00 -10.77 -9.69
N SER B 124 1.25 -10.48 -9.37
N SER B 124 1.28 -10.64 -9.36
N SER B 124 1.28 -10.64 -9.36
CA SER B 124 2.16 -9.87 -10.34
CA SER B 124 2.29 -10.13 -10.28
CA SER B 124 2.34 -10.31 -10.33
C SER B 124 2.27 -10.65 -11.64
C SER B 124 2.49 -11.03 -11.48
C SER B 124 2.37 -11.32 -11.47
N ASN B 125 2.34 -11.99 -11.51
N ASN B 125 2.38 -12.35 -11.29
CA ASN B 125 2.49 -12.94 -12.65
CA ASN B 125 2.45 -13.25 -12.43
C ASN B 125 1.18 -13.50 -13.22
C ASN B 125 1.10 -13.90 -12.67
N PHE B 126 0.07 -13.05 -12.67
CA PHE B 126 -1.26 -13.41 -13.15
C PHE B 126 -1.53 -12.64 -14.47
N PRO B 127 -2.26 -13.21 -15.42
CA PRO B 127 -2.41 -12.53 -16.72
C PRO B 127 -3.13 -11.16 -16.64
N ARG B 128 -2.42 -10.11 -17.04
CA ARG B 128 -2.88 -8.74 -17.02
C ARG B 128 -2.49 -8.07 -18.31
N PRO B 129 -3.36 -7.21 -18.89
CA PRO B 129 -4.67 -6.80 -18.37
C PRO B 129 -5.63 -7.93 -18.22
N PHE B 130 -6.57 -7.78 -17.30
CA PHE B 130 -7.57 -8.81 -17.09
C PHE B 130 -8.44 -8.92 -18.33
N ASP B 131 -8.76 -10.13 -18.75
CA ASP B 131 -9.63 -10.25 -19.92
C ASP B 131 -11.08 -9.90 -19.60
N VAL B 132 -11.61 -10.39 -18.47
CA VAL B 132 -12.99 -10.13 -18.07
C VAL B 132 -13.02 -9.81 -16.59
N VAL B 133 -13.68 -8.75 -16.20
CA VAL B 133 -13.91 -8.40 -14.79
C VAL B 133 -15.42 -8.33 -14.57
N VAL B 134 -15.91 -9.06 -13.56
CA VAL B 134 -17.34 -9.03 -13.18
C VAL B 134 -17.48 -8.36 -11.83
N LEU B 135 -18.21 -7.26 -11.80
CA LEU B 135 -18.40 -6.39 -10.64
C LEU B 135 -19.86 -6.46 -10.18
N GLY B 136 -20.06 -6.14 -8.91
CA GLY B 136 -21.33 -5.79 -8.35
C GLY B 136 -21.35 -4.35 -7.85
N GLY B 138 -23.09 -2.11 -4.42
CA GLY B 138 -24.00 -2.06 -3.29
C GLY B 138 -25.05 -0.97 -3.32
N ASN B 139 -25.98 -1.02 -2.34
CA ASN B 139 -27.01 0.00 -2.25
C ASN B 139 -26.46 1.38 -1.92
N ASP B 140 -25.20 1.41 -1.44
CA ASP B 140 -24.49 2.65 -1.19
C ASP B 140 -23.61 3.12 -2.35
N GLY B 141 -23.66 2.41 -3.47
CA GLY B 141 -22.83 2.78 -4.60
C GLY B 141 -21.39 2.28 -4.52
N HIS B 142 -21.07 1.44 -3.53
CA HIS B 142 -19.73 0.83 -3.53
C HIS B 142 -19.59 -0.23 -4.60
N THR B 143 -18.35 -0.52 -4.99
CA THR B 143 -18.03 -1.68 -5.80
C THR B 143 -16.70 -2.22 -5.32
N CYS B 144 -16.36 -3.46 -5.64
CA CYS B 144 -15.18 -4.12 -5.03
C CYS B 144 -15.32 -3.93 -3.50
N SER B 145 -14.25 -3.53 -2.81
CA SER B 145 -14.40 -2.99 -1.43
C SER B 145 -13.94 -1.52 -1.41
N TRP B 146 -14.31 -0.76 -2.45
CA TRP B 146 -14.17 0.66 -2.49
C TRP B 146 -15.39 1.29 -1.82
N PHE B 147 -15.33 1.45 -0.51
CA PHE B 147 -16.48 1.92 0.25
C PHE B 147 -16.38 3.44 0.48
N PRO B 148 -17.47 4.18 0.28
CA PRO B 148 -17.45 5.59 0.63
C PRO B 148 -17.32 5.85 2.15
N CYS B 149 -17.63 4.87 2.99
CA CYS B 149 -17.52 5.00 4.44
C CYS B 149 -16.14 4.59 4.97
N SER B 150 -15.14 4.46 4.09
CA SER B 150 -13.81 4.00 4.51
C SER B 150 -12.73 5.04 4.26
N ALA B 151 -11.77 5.07 5.20
CA ALA B 151 -10.71 6.02 5.16
C ALA B 151 -9.74 5.76 4.01
N GLU B 152 -9.72 4.52 3.53
CA GLU B 152 -8.77 4.07 2.50
C GLU B 152 -9.24 4.24 1.07
N LEU B 153 -10.42 4.84 0.89
CA LEU B 153 -11.00 4.94 -0.46
C LEU B 153 -10.08 5.62 -1.45
N GLU B 154 -9.56 6.79 -1.11
CA GLU B 154 -8.72 7.49 -2.08
C GLU B 154 -7.52 6.63 -2.43
N ASN B 155 -6.90 5.96 -1.46
CA ASN B 155 -5.82 5.04 -1.78
C ASN B 155 -6.25 3.93 -2.79
N ALA B 156 -7.41 3.32 -2.56
CA ALA B 156 -7.92 2.32 -3.49
C ALA B 156 -8.09 2.89 -4.89
N LEU B 157 -8.52 4.16 -4.96
CA LEU B 157 -8.80 4.79 -6.25
C LEU B 157 -7.57 5.33 -6.97
N THR B 158 -6.43 5.46 -6.27
CA THR B 158 -5.26 6.12 -6.86
C THR B 158 -3.93 5.37 -6.76
N THR B 159 -3.86 4.35 -5.94
CA THR B 159 -2.66 3.50 -5.87
C THR B 159 -2.31 2.81 -7.20
N GLN B 160 -1.03 2.57 -7.41
CA GLN B 160 -0.56 1.68 -8.46
C GLN B 160 -0.37 0.24 -8.01
N ALA B 161 -0.48 -0.01 -6.72
CA ALA B 161 -0.45 -1.40 -6.22
C ALA B 161 -1.68 -2.15 -6.73
N LEU B 162 -1.58 -3.44 -6.94
CA LEU B 162 -2.69 -4.21 -7.46
C LEU B 162 -3.80 -4.38 -6.43
N CYS B 163 -3.45 -4.37 -5.15
CA CYS B 163 -4.49 -4.45 -4.12
C CYS B 163 -4.05 -3.77 -2.84
N VAL B 164 -5.04 -3.37 -2.05
CA VAL B 164 -4.84 -2.57 -0.83
C VAL B 164 -5.95 -2.93 0.16
N ALA B 165 -5.72 -2.65 1.46
CA ALA B 165 -6.68 -2.91 2.51
C ALA B 165 -7.66 -1.76 2.62
N THR B 166 -8.92 -2.03 2.95
CA THR B 166 -9.89 -0.99 3.24
C THR B 166 -10.69 -1.44 4.46
N ASN B 167 -11.24 -0.50 5.21
CA ASN B 167 -11.99 -0.77 6.41
C ASN B 167 -13.30 -0.01 6.46
N PRO B 168 -14.34 -0.58 5.81
CA PRO B 168 -15.64 0.08 5.85
C PRO B 168 -16.12 0.24 7.26
N THR B 169 -16.80 1.34 7.51
CA THR B 169 -17.46 1.56 8.80
C THR B 169 -18.97 1.16 8.78
N THR B 170 -19.54 0.93 7.59
CA THR B 170 -20.96 0.59 7.43
C THR B 170 -21.20 -0.85 6.96
N ALA B 171 -20.15 -1.65 6.88
CA ALA B 171 -20.21 -3.01 6.46
C ALA B 171 -19.17 -3.76 7.23
N PRO B 172 -19.41 -5.06 7.47
CA PRO B 172 -18.51 -5.82 8.30
C PRO B 172 -17.20 -6.24 7.62
N HIS B 173 -16.19 -6.41 8.47
CA HIS B 173 -14.91 -7.08 8.21
C HIS B 173 -13.91 -6.13 7.54
N GLY B 174 -12.64 -6.24 7.95
CA GLY B 174 -11.56 -5.63 7.19
C GLY B 174 -11.60 -6.25 5.80
N ARG B 175 -11.12 -5.51 4.80
CA ARG B 175 -11.18 -5.94 3.42
C ARG B 175 -9.82 -5.81 2.76
N ILE B 176 -9.58 -6.69 1.80
N ILE B 176 -9.61 -6.68 1.78
CA ILE B 176 -8.59 -6.46 0.78
CA ILE B 176 -8.57 -6.50 0.77
C ILE B 176 -9.39 -6.21 -0.50
C ILE B 176 -9.24 -6.36 -0.60
N THR B 177 -8.93 -5.28 -1.32
CA THR B 177 -9.58 -4.99 -2.59
C THR B 177 -8.57 -4.83 -3.69
N LEU B 178 -8.93 -5.25 -4.90
CA LEU B 178 -8.17 -4.84 -6.07
C LEU B 178 -8.37 -3.33 -6.17
N SER B 179 -7.34 -2.64 -6.66
CA SER B 179 -7.35 -1.20 -6.82
C SER B 179 -8.05 -0.79 -8.11
N LYS B 180 -8.39 0.48 -8.23
N LYS B 180 -8.41 0.48 -8.21
CA LYS B 180 -8.99 1.00 -9.45
CA LYS B 180 -8.96 1.03 -9.43
C LYS B 180 -8.03 0.87 -10.62
C LYS B 180 -8.02 0.76 -10.57
N SER B 181 -6.73 1.08 -10.39
CA SER B 181 -5.78 0.92 -11.47
C SER B 181 -5.76 -0.55 -11.97
N ALA B 182 -5.84 -1.51 -11.06
CA ALA B 182 -5.89 -2.91 -11.47
C ALA B 182 -7.19 -3.22 -12.23
N ILE B 183 -8.31 -2.83 -11.66
CA ILE B 183 -9.63 -3.16 -12.24
C ILE B 183 -9.80 -2.55 -13.64
N LEU B 184 -9.28 -1.32 -13.83
CA LEU B 184 -9.42 -0.65 -15.12
C LEU B 184 -8.39 -1.10 -16.12
N ASN B 185 -7.35 -1.81 -15.67
CA ASN B 185 -6.43 -2.45 -16.60
C ASN B 185 -7.00 -3.79 -17.03
N SER B 186 -8.03 -3.71 -17.86
CA SER B 186 -8.85 -4.84 -18.26
C SER B 186 -9.43 -4.58 -19.64
N ARG B 187 -9.89 -5.65 -20.30
N ARG B 187 -9.86 -5.64 -20.31
CA ARG B 187 -10.43 -5.57 -21.64
CA ARG B 187 -10.42 -5.56 -21.65
C ARG B 187 -11.95 -5.40 -21.65
C ARG B 187 -11.95 -5.43 -21.66
N GLN B 188 -12.62 -5.89 -20.62
CA GLN B 188 -14.09 -5.85 -20.53
C GLN B 188 -14.48 -5.92 -19.06
N ILE B 189 -15.39 -5.04 -18.68
CA ILE B 189 -16.02 -5.08 -17.35
C ILE B 189 -17.51 -5.33 -17.54
N TYR B 190 -18.08 -6.17 -16.67
CA TYR B 190 -19.51 -6.39 -16.56
C TYR B 190 -19.96 -5.93 -15.20
N LEU B 191 -21.07 -5.20 -15.13
CA LEU B 191 -21.68 -4.85 -13.86
C LEU B 191 -23.00 -5.56 -13.75
N HIS B 192 -23.12 -6.45 -12.78
CA HIS B 192 -24.28 -7.35 -12.65
C HIS B 192 -25.14 -6.91 -11.48
N LEU B 193 -26.33 -6.44 -11.82
CA LEU B 193 -27.27 -5.86 -10.87
C LEU B 193 -28.60 -6.58 -10.91
N VAL B 194 -29.27 -6.69 -9.75
CA VAL B 194 -30.62 -7.27 -9.66
C VAL B 194 -31.50 -6.45 -8.76
N GLY B 195 -32.70 -6.17 -9.23
CA GLY B 195 -33.76 -5.59 -8.39
C GLY B 195 -33.96 -4.10 -8.59
N GLU B 196 -35.14 -3.62 -8.25
N GLU B 196 -35.16 -3.67 -8.25
CA GLU B 196 -35.45 -2.22 -8.46
CA GLU B 196 -35.56 -2.28 -8.34
C GLU B 196 -34.64 -1.27 -7.59
C GLU B 196 -34.62 -1.34 -7.63
N GLN B 197 -34.25 -1.68 -6.39
CA GLN B 197 -33.40 -0.80 -5.59
C GLN B 197 -32.04 -0.56 -6.27
N LYS B 198 -31.41 -1.62 -6.74
CA LYS B 198 -30.13 -1.50 -7.45
C LYS B 198 -30.31 -0.63 -8.68
N LEU B 199 -31.43 -0.74 -9.39
CA LEU B 199 -31.61 0.10 -10.57
C LEU B 199 -31.66 1.58 -10.16
N SER B 200 -32.38 1.91 -9.08
N SER B 200 -32.39 1.90 -9.08
CA SER B 200 -32.48 3.29 -8.61
CA SER B 200 -32.50 3.27 -8.59
C SER B 200 -31.09 3.83 -8.23
C SER B 200 -31.10 3.82 -8.23
N VAL B 201 -30.30 3.00 -7.56
CA VAL B 201 -28.98 3.39 -7.11
C VAL B 201 -28.04 3.58 -8.32
N TYR B 202 -28.18 2.70 -9.31
CA TYR B 202 -27.42 2.84 -10.57
C TYR B 202 -27.78 4.19 -11.23
N ARG B 203 -29.07 4.47 -11.33
CA ARG B 203 -29.52 5.77 -11.86
C ARG B 203 -28.93 6.97 -11.10
N GLN B 204 -28.92 6.89 -9.77
N GLN B 204 -28.94 6.88 -9.77
CA GLN B 204 -28.27 7.95 -9.00
CA GLN B 204 -28.29 7.88 -8.94
C GLN B 204 -26.78 8.05 -9.29
C GLN B 204 -26.81 8.04 -9.31
N ALA B 205 -26.13 6.90 -9.47
CA ALA B 205 -24.71 6.91 -9.83
C ALA B 205 -24.48 7.71 -11.11
N LEU B 206 -25.38 7.61 -12.07
CA LEU B 206 -25.16 8.30 -13.38
C LEU B 206 -25.28 9.83 -13.27
N GLU B 207 -25.83 10.32 -12.18
CA GLU B 207 -26.09 11.76 -12.03
C GLU B 207 -24.88 12.64 -11.86
N SER B 208 -23.76 12.06 -11.43
N SER B 208 -23.74 12.05 -11.53
CA SER B 208 -22.53 12.84 -11.25
CA SER B 208 -22.55 12.81 -11.17
C SER B 208 -21.32 11.93 -11.30
C SER B 208 -21.33 11.93 -11.41
N ASP B 209 -20.16 12.55 -11.36
CA ASP B 209 -18.90 11.83 -11.40
C ASP B 209 -18.19 11.97 -10.05
N ASP B 210 -18.93 12.23 -8.99
CA ASP B 210 -18.36 12.27 -7.61
C ASP B 210 -18.11 10.85 -7.12
N VAL B 211 -16.89 10.38 -7.37
N VAL B 211 -16.91 10.35 -7.41
CA VAL B 211 -16.50 9.02 -7.05
CA VAL B 211 -16.52 9.00 -7.04
C VAL B 211 -16.34 8.76 -5.56
C VAL B 211 -16.52 8.80 -5.53
N HIS B 212 -16.13 9.82 -4.76
CA HIS B 212 -16.07 9.64 -3.32
C HIS B 212 -17.41 9.32 -2.70
N ALA B 213 -18.47 9.88 -3.28
CA ALA B 213 -19.79 9.61 -2.79
C ALA B 213 -20.27 8.21 -3.24
N PRO B 215 -18.45 5.12 -5.31
CA PRO B 215 -17.23 4.66 -5.97
C PRO B 215 -17.45 3.88 -7.29
N ILE B 216 -18.62 3.31 -7.49
CA ILE B 216 -18.92 2.69 -8.81
C ILE B 216 -18.73 3.67 -9.94
N ARG B 217 -18.90 4.99 -9.68
CA ARG B 217 -18.69 6.00 -10.71
C ARG B 217 -17.30 5.98 -11.32
N ALA B 218 -16.29 5.51 -10.57
CA ALA B 218 -14.94 5.38 -11.13
C ALA B 218 -14.87 4.42 -12.32
N VAL B 219 -15.72 3.40 -12.29
CA VAL B 219 -15.88 2.45 -13.42
C VAL B 219 -16.82 3.00 -14.48
N LEU B 220 -17.95 3.56 -14.04
CA LEU B 220 -18.95 4.00 -15.02
C LEU B 220 -18.56 5.24 -15.81
N ALA B 221 -17.76 6.14 -15.23
CA ALA B 221 -17.46 7.42 -15.89
C ALA B 221 -16.33 7.35 -16.92
N GLN B 222 -15.47 6.35 -16.81
CA GLN B 222 -14.32 6.24 -17.71
C GLN B 222 -14.69 5.66 -19.06
N ARG B 223 -13.85 5.97 -20.04
N ARG B 223 -13.89 5.97 -20.05
CA ARG B 223 -14.15 5.75 -21.43
CA ARG B 223 -14.20 5.64 -21.42
C ARG B 223 -13.14 4.91 -22.19
C ARG B 223 -13.25 4.73 -22.13
N LYS B 224 -12.24 4.27 -21.46
CA LYS B 224 -11.21 3.46 -22.06
C LYS B 224 -11.48 1.97 -21.98
N THR B 225 -12.18 1.49 -20.93
CA THR B 225 -12.50 0.07 -20.82
C THR B 225 -14.01 -0.09 -20.94
N PRO B 226 -14.48 -0.96 -21.85
CA PRO B 226 -15.93 -1.13 -22.01
C PRO B 226 -16.54 -1.65 -20.73
N VAL B 227 -17.70 -1.11 -20.39
CA VAL B 227 -18.50 -1.60 -19.25
C VAL B 227 -19.92 -1.89 -19.75
N ASP B 228 -20.38 -3.14 -19.55
CA ASP B 228 -21.73 -3.52 -19.92
C ASP B 228 -22.48 -3.78 -18.63
N VAL B 229 -23.60 -3.11 -18.43
CA VAL B 229 -24.44 -3.26 -17.26
C VAL B 229 -25.56 -4.26 -17.58
N PHE B 230 -25.66 -5.34 -16.79
CA PHE B 230 -26.68 -6.37 -16.96
C PHE B 230 -27.63 -6.28 -15.76
N TRP B 231 -28.91 -6.13 -16.01
CA TRP B 231 -29.88 -5.97 -14.94
C TRP B 231 -31.18 -6.74 -15.22
N SER B 232 -31.82 -7.17 -14.13
CA SER B 232 -33.18 -7.70 -14.14
C SER B 232 -33.82 -7.24 -12.83
N ALA B 233 -35.14 -7.03 -12.85
CA ALA B 233 -35.88 -6.74 -11.60
C ALA B 233 -35.89 -8.01 -10.75
#